data_4JOF
#
_entry.id   4JOF
#
_cell.length_a   36.236
_cell.length_b   47.575
_cell.length_c   97.291
_cell.angle_alpha   90.00
_cell.angle_beta   90.00
_cell.angle_gamma   90.00
#
_symmetry.space_group_name_H-M   'P 21 21 21'
#
loop_
_entity.id
_entity.type
_entity.pdbx_description
1 polymer 'Golgi-associated PDZ and coiled-coil motif-containing protein'
2 polymer 'L-iCAL36 peptide'
3 non-polymer GLYCEROL
4 water water
#
loop_
_entity_poly.entity_id
_entity_poly.type
_entity_poly.pdbx_seq_one_letter_code
_entity_poly.pdbx_strand_id
1 'polypeptide(L)'
;GPIRKVLLLKEDHEGLGISITGGKEHGVPILISEIHPGQPADRCGGLHVGDAILAVNGVNLRDTKHKEAVTILSQQRGEI
EFEVVYV
;
A,B
2 'polypeptide(L)' ANSRLPTSII C,D
#
loop_
_chem_comp.id
_chem_comp.type
_chem_comp.name
_chem_comp.formula
GOL non-polymer GLYCEROL 'C3 H8 O3'
#
# COMPACT_ATOMS: atom_id res chain seq x y z
N GLY A 1 24.42 -0.28 -14.89
CA GLY A 1 25.41 0.21 -13.96
C GLY A 1 25.80 -0.86 -12.96
N PRO A 2 26.57 -0.49 -11.94
CA PRO A 2 26.96 -1.49 -10.93
C PRO A 2 25.79 -1.81 -10.02
N ILE A 3 25.76 -3.05 -9.55
CA ILE A 3 24.79 -3.41 -8.53
C ILE A 3 25.19 -2.68 -7.24
N ARG A 4 24.20 -2.09 -6.57
CA ARG A 4 24.40 -1.34 -5.33
C ARG A 4 23.58 -1.94 -4.20
N LYS A 5 24.11 -1.86 -2.97
CA LYS A 5 23.32 -2.13 -1.79
C LYS A 5 23.02 -0.79 -1.11
N VAL A 6 21.77 -0.56 -0.76
CA VAL A 6 21.31 0.73 -0.24
C VAL A 6 20.48 0.49 1.01
N LEU A 7 20.72 1.26 2.07
CA LEU A 7 19.96 1.14 3.29
C LEU A 7 18.86 2.18 3.34
N LEU A 8 17.66 1.77 3.74
CA LEU A 8 16.52 2.66 3.91
C LEU A 8 15.98 2.50 5.32
N LEU A 9 15.68 3.63 5.97
CA LEU A 9 15.09 3.63 7.30
C LEU A 9 13.66 4.12 7.20
N LYS A 10 12.72 3.30 7.65
CA LYS A 10 11.29 3.54 7.54
C LYS A 10 10.69 3.51 8.95
N GLU A 11 9.79 4.43 9.25
CA GLU A 11 9.02 4.35 10.46
C GLU A 11 7.73 3.55 10.18
N ASP A 12 7.09 3.06 11.22
CA ASP A 12 6.00 2.12 11.03
C ASP A 12 4.70 2.72 10.44
N HIS A 13 4.58 4.04 10.54
CA HIS A 13 3.39 4.74 10.08
C HIS A 13 3.50 5.16 8.62
N GLU A 14 4.61 4.85 7.97
CA GLU A 14 4.82 5.32 6.60
C GLU A 14 5.02 4.16 5.64
N GLY A 15 4.86 4.45 4.36
CA GLY A 15 5.22 3.52 3.32
C GLY A 15 6.67 3.73 2.92
N LEU A 16 7.08 3.05 1.84
CA LEU A 16 8.44 3.20 1.35
C LEU A 16 8.65 4.54 0.65
N GLY A 17 7.62 5.09 0.04
CA GLY A 17 7.76 6.33 -0.72
C GLY A 17 8.26 6.11 -2.14
N ILE A 18 7.87 5.00 -2.74
CA ILE A 18 8.17 4.77 -4.15
C ILE A 18 6.95 4.32 -4.91
N SER A 19 6.97 4.52 -6.21
CA SER A 19 6.09 3.79 -7.11
C SER A 19 6.91 2.78 -7.87
N ILE A 20 6.35 1.59 -8.05
CA ILE A 20 7.00 0.56 -8.85
C ILE A 20 6.14 0.17 -10.05
N THR A 21 6.85 -0.17 -11.13
N THR A 21 6.82 -0.24 -11.10
CA THR A 21 6.25 -0.73 -12.34
CA THR A 21 6.16 -0.78 -12.27
C THR A 21 6.84 -2.11 -12.61
C THR A 21 6.93 -1.99 -12.75
N GLY A 22 6.28 -2.80 -13.58
CA GLY A 22 6.91 -4.00 -14.11
C GLY A 22 6.57 -5.26 -13.34
N GLY A 23 7.37 -6.29 -13.57
CA GLY A 23 7.10 -7.60 -13.01
C GLY A 23 7.26 -8.69 -14.07
N LYS A 24 7.49 -9.91 -13.61
CA LYS A 24 7.82 -11.01 -14.49
C LYS A 24 6.75 -11.27 -15.55
N GLU A 25 5.49 -11.08 -15.19
CA GLU A 25 4.40 -11.34 -16.13
C GLU A 25 4.44 -10.35 -17.31
N HIS A 26 5.20 -9.27 -17.15
CA HIS A 26 5.38 -8.27 -18.21
C HIS A 26 6.74 -8.35 -18.89
N GLY A 27 7.55 -9.31 -18.44
CA GLY A 27 8.89 -9.49 -19.00
C GLY A 27 9.84 -8.35 -18.68
N VAL A 28 9.58 -7.62 -17.61
CA VAL A 28 10.48 -6.54 -17.19
C VAL A 28 10.66 -6.57 -15.68
N PRO A 29 11.79 -6.03 -15.19
CA PRO A 29 12.05 -6.07 -13.74
C PRO A 29 11.11 -5.16 -12.97
N ILE A 30 11.12 -5.33 -11.66
CA ILE A 30 10.47 -4.38 -10.78
C ILE A 30 11.31 -3.11 -10.86
N LEU A 31 10.73 -2.04 -11.39
CA LEU A 31 11.43 -0.78 -11.58
C LEU A 31 10.84 0.32 -10.72
N ILE A 32 11.71 1.15 -10.16
CA ILE A 32 11.24 2.33 -9.47
C ILE A 32 10.86 3.38 -10.50
N SER A 33 9.59 3.76 -10.52
CA SER A 33 9.14 4.77 -11.47
C SER A 33 8.92 6.14 -10.83
N GLU A 34 8.80 6.16 -9.50
N GLU A 34 8.80 6.19 -9.50
CA GLU A 34 8.67 7.41 -8.75
CA GLU A 34 8.68 7.46 -8.80
C GLU A 34 9.45 7.31 -7.44
C GLU A 34 9.36 7.36 -7.44
N ILE A 35 10.03 8.43 -7.05
CA ILE A 35 10.52 8.59 -5.68
C ILE A 35 9.73 9.77 -5.11
N HIS A 36 8.88 9.51 -4.13
CA HIS A 36 8.02 10.55 -3.61
C HIS A 36 8.76 11.47 -2.65
N PRO A 37 8.65 12.79 -2.88
CA PRO A 37 9.48 13.73 -2.10
C PRO A 37 9.23 13.65 -0.61
N GLY A 38 10.30 13.57 0.18
CA GLY A 38 10.22 13.62 1.62
C GLY A 38 9.89 12.30 2.32
N GLN A 39 9.56 11.27 1.55
N GLN A 39 9.60 11.25 1.54
CA GLN A 39 9.22 9.95 2.10
CA GLN A 39 9.26 9.96 2.13
C GLN A 39 10.52 9.12 2.26
C GLN A 39 10.53 9.09 2.21
N PRO A 40 10.43 7.90 2.83
CA PRO A 40 11.69 7.22 3.20
C PRO A 40 12.70 6.95 2.09
N ALA A 41 12.24 6.60 0.90
CA ALA A 41 13.18 6.32 -0.17
C ALA A 41 13.94 7.58 -0.58
N ASP A 42 13.24 8.70 -0.67
CA ASP A 42 13.89 9.97 -0.96
C ASP A 42 14.92 10.27 0.14
N ARG A 43 14.50 10.12 1.39
CA ARG A 43 15.36 10.48 2.52
C ARG A 43 16.62 9.63 2.58
N CYS A 44 16.54 8.36 2.15
CA CYS A 44 17.71 7.50 2.30
C CYS A 44 18.84 7.89 1.34
N GLY A 45 18.49 8.57 0.25
CA GLY A 45 19.47 9.14 -0.66
C GLY A 45 20.00 8.25 -1.76
N GLY A 46 19.84 6.94 -1.62
CA GLY A 46 20.46 6.00 -2.53
C GLY A 46 19.56 5.31 -3.53
N LEU A 47 18.28 5.64 -3.55
CA LEU A 47 17.32 5.02 -4.49
C LEU A 47 16.82 6.05 -5.48
N HIS A 48 16.72 5.66 -6.75
CA HIS A 48 16.40 6.63 -7.79
C HIS A 48 15.47 6.06 -8.86
N VAL A 49 14.73 6.95 -9.52
CA VAL A 49 13.89 6.54 -10.64
C VAL A 49 14.76 5.84 -11.68
N GLY A 50 14.27 4.71 -12.16
CA GLY A 50 15.02 3.92 -13.14
C GLY A 50 15.77 2.77 -12.52
N ASP A 51 15.94 2.76 -11.21
CA ASP A 51 16.56 1.62 -10.55
C ASP A 51 15.67 0.39 -10.65
N ALA A 52 16.29 -0.75 -10.98
CA ALA A 52 15.63 -2.05 -10.87
C ALA A 52 15.89 -2.59 -9.47
N ILE A 53 14.84 -3.06 -8.81
CA ILE A 53 14.99 -3.67 -7.49
C ILE A 53 15.25 -5.16 -7.65
N LEU A 54 16.48 -5.56 -7.36
CA LEU A 54 16.91 -6.94 -7.53
C LEU A 54 16.55 -7.79 -6.30
N ALA A 55 16.58 -7.16 -5.13
CA ALA A 55 16.28 -7.85 -3.87
C ALA A 55 15.99 -6.85 -2.75
N VAL A 56 15.24 -7.30 -1.74
CA VAL A 56 15.01 -6.48 -0.55
C VAL A 56 15.17 -7.38 0.67
N ASN A 57 16.00 -6.98 1.62
CA ASN A 57 16.30 -7.81 2.80
C ASN A 57 16.60 -9.25 2.42
N GLY A 58 17.35 -9.43 1.33
CA GLY A 58 17.75 -10.75 0.90
C GLY A 58 16.74 -11.53 0.06
N VAL A 59 15.56 -10.98 -0.17
CA VAL A 59 14.55 -11.63 -1.01
C VAL A 59 14.69 -11.21 -2.46
N ASN A 60 14.97 -12.17 -3.34
CA ASN A 60 15.17 -11.89 -4.75
C ASN A 60 13.85 -11.43 -5.36
N LEU A 61 13.90 -10.35 -6.11
CA LEU A 61 12.72 -9.84 -6.78
C LEU A 61 12.85 -9.90 -8.30
N ARG A 62 13.92 -10.52 -8.80
CA ARG A 62 14.19 -10.50 -10.24
C ARG A 62 13.20 -11.33 -11.05
N ASP A 63 12.51 -12.26 -10.38
CA ASP A 63 11.55 -13.09 -11.08
C ASP A 63 10.15 -12.98 -10.50
N THR A 64 9.91 -11.96 -9.68
CA THR A 64 8.59 -11.80 -9.06
C THR A 64 7.60 -11.11 -9.98
N LYS A 65 6.35 -11.52 -9.90
CA LYS A 65 5.27 -10.79 -10.53
C LYS A 65 4.99 -9.50 -9.77
N HIS A 66 4.32 -8.57 -10.43
CA HIS A 66 4.06 -7.26 -9.86
C HIS A 66 3.50 -7.33 -8.45
N LYS A 67 2.40 -8.05 -8.27
CA LYS A 67 1.71 -8.05 -6.98
C LYS A 67 2.47 -8.85 -5.93
N GLU A 68 3.24 -9.85 -6.35
CA GLU A 68 4.14 -10.52 -5.43
C GLU A 68 5.13 -9.51 -4.84
N ALA A 69 5.73 -8.71 -5.72
CA ALA A 69 6.68 -7.70 -5.27
C ALA A 69 6.06 -6.69 -4.32
N VAL A 70 4.82 -6.27 -4.59
CA VAL A 70 4.14 -5.32 -3.71
C VAL A 70 4.01 -5.93 -2.32
N THR A 71 3.54 -7.17 -2.24
CA THR A 71 3.39 -7.81 -0.94
C THR A 71 4.73 -7.91 -0.20
N ILE A 72 5.76 -8.36 -0.89
CA ILE A 72 7.05 -8.52 -0.26
C ILE A 72 7.60 -7.18 0.22
N LEU A 73 7.58 -6.18 -0.66
CA LEU A 73 8.11 -4.86 -0.35
C LEU A 73 7.36 -4.21 0.82
N SER A 74 6.04 -4.30 0.81
CA SER A 74 5.23 -3.65 1.83
C SER A 74 5.34 -4.32 3.20
N GLN A 75 5.79 -5.57 3.23
CA GLN A 75 6.00 -6.29 4.50
C GLN A 75 7.24 -5.82 5.24
N GLN A 76 8.19 -5.20 4.56
CA GLN A 76 9.47 -4.89 5.22
C GLN A 76 9.30 -3.71 6.19
N ARG A 77 9.98 -3.80 7.33
CA ARG A 77 9.89 -2.75 8.36
C ARG A 77 11.26 -2.29 8.83
N GLY A 78 11.34 -1.03 9.26
CA GLY A 78 12.51 -0.55 9.97
C GLY A 78 13.70 -0.25 9.09
N GLU A 79 14.78 -0.97 9.32
CA GLU A 79 16.02 -0.81 8.56
C GLU A 79 16.01 -1.84 7.46
N ILE A 80 15.88 -1.37 6.22
CA ILE A 80 15.59 -2.24 5.09
C ILE A 80 16.70 -2.12 4.07
N GLU A 81 17.31 -3.24 3.69
CA GLU A 81 18.38 -3.22 2.72
C GLU A 81 17.86 -3.54 1.33
N PHE A 82 18.18 -2.69 0.36
CA PHE A 82 17.82 -2.90 -1.04
C PHE A 82 19.05 -3.27 -1.85
N GLU A 83 18.87 -4.18 -2.80
CA GLU A 83 19.88 -4.43 -3.81
C GLU A 83 19.29 -3.92 -5.12
N VAL A 84 19.94 -2.94 -5.74
CA VAL A 84 19.38 -2.27 -6.90
C VAL A 84 20.42 -2.06 -7.99
N VAL A 85 19.96 -1.80 -9.20
CA VAL A 85 20.86 -1.49 -10.29
C VAL A 85 20.18 -0.54 -11.26
N TYR A 86 20.91 0.47 -11.69
CA TYR A 86 20.41 1.39 -12.69
C TYR A 86 20.94 0.99 -14.05
N VAL A 87 20.03 0.62 -14.94
CA VAL A 87 20.40 0.24 -16.31
C VAL A 87 19.95 1.32 -17.29
N GLY B 1 -0.68 13.52 -1.22
CA GLY B 1 -0.19 13.18 0.10
C GLY B 1 0.53 11.84 0.12
N PRO B 2 1.22 11.55 1.23
CA PRO B 2 2.01 10.33 1.37
C PRO B 2 1.18 9.17 1.87
N ILE B 3 1.67 7.96 1.66
CA ILE B 3 1.05 6.79 2.29
C ILE B 3 1.14 6.93 3.79
N ARG B 4 0.04 6.58 4.46
CA ARG B 4 0.03 6.48 5.91
C ARG B 4 -0.46 5.10 6.30
N LYS B 5 0.06 4.58 7.38
CA LYS B 5 -0.51 3.39 8.00
C LYS B 5 -1.17 3.79 9.30
N VAL B 6 -2.44 3.44 9.41
CA VAL B 6 -3.31 3.93 10.46
C VAL B 6 -3.94 2.76 11.19
N LEU B 7 -3.90 2.81 12.53
CA LEU B 7 -4.55 1.79 13.36
C LEU B 7 -5.98 2.17 13.74
N LEU B 8 -6.86 1.18 13.64
CA LEU B 8 -8.25 1.33 14.01
C LEU B 8 -8.60 0.14 14.92
N LEU B 9 -9.10 0.41 16.13
CA LEU B 9 -9.49 -0.65 17.04
C LEU B 9 -10.98 -0.95 16.88
N LYS B 10 -11.29 -2.19 16.55
CA LYS B 10 -12.67 -2.62 16.34
C LYS B 10 -13.06 -3.61 17.43
N GLU B 11 -14.14 -3.31 18.15
CA GLU B 11 -14.73 -4.27 19.07
C GLU B 11 -15.53 -5.26 18.25
N ASP B 12 -15.56 -6.51 18.70
N ASP B 12 -15.57 -6.51 18.69
CA ASP B 12 -16.25 -7.58 17.99
CA ASP B 12 -16.24 -7.56 17.93
C ASP B 12 -17.66 -7.17 17.55
C ASP B 12 -17.68 -7.21 17.56
N HIS B 13 -18.36 -6.48 18.43
CA HIS B 13 -19.78 -6.16 18.23
C HIS B 13 -20.07 -4.98 17.32
N GLU B 14 -19.03 -4.26 16.87
CA GLU B 14 -19.26 -3.02 16.12
C GLU B 14 -18.61 -3.01 14.74
N GLY B 15 -19.23 -2.28 13.82
CA GLY B 15 -18.64 -2.04 12.52
C GLY B 15 -17.55 -0.99 12.60
N LEU B 16 -16.74 -0.90 11.55
CA LEU B 16 -15.64 0.06 11.49
C LEU B 16 -16.16 1.49 11.40
N GLY B 17 -17.34 1.66 10.80
CA GLY B 17 -17.91 2.98 10.56
C GLY B 17 -17.36 3.70 9.33
N ILE B 18 -17.35 3.01 8.19
CA ILE B 18 -16.76 3.52 6.95
C ILE B 18 -17.65 3.13 5.77
N SER B 19 -18.00 4.08 4.91
CA SER B 19 -18.62 3.77 3.63
C SER B 19 -17.54 3.67 2.56
N ILE B 20 -17.72 2.71 1.65
CA ILE B 20 -16.73 2.33 0.66
C ILE B 20 -17.31 2.41 -0.75
N THR B 21 -16.58 3.02 -1.67
CA THR B 21 -16.92 2.95 -3.09
C THR B 21 -15.67 2.50 -3.87
N GLY B 22 -15.85 2.19 -5.15
CA GLY B 22 -14.72 1.92 -6.02
C GLY B 22 -14.29 0.47 -6.06
N GLY B 23 -13.11 0.24 -6.60
CA GLY B 23 -12.61 -1.12 -6.81
C GLY B 23 -12.33 -1.38 -8.28
N LYS B 24 -11.76 -2.56 -8.52
CA LYS B 24 -11.22 -2.93 -9.82
C LYS B 24 -12.20 -2.72 -10.97
N GLU B 25 -13.44 -3.14 -10.79
CA GLU B 25 -14.40 -3.08 -11.89
C GLU B 25 -14.78 -1.65 -12.26
N HIS B 26 -14.42 -0.70 -11.40
CA HIS B 26 -14.69 0.71 -11.63
C HIS B 26 -13.46 1.47 -12.11
N GLY B 27 -12.32 0.78 -12.20
CA GLY B 27 -11.09 1.41 -12.63
C GLY B 27 -10.52 2.45 -11.69
N VAL B 28 -10.90 2.35 -10.40
CA VAL B 28 -10.44 3.29 -9.39
C VAL B 28 -10.17 2.55 -8.09
N PRO B 29 -9.43 3.18 -7.16
CA PRO B 29 -9.14 2.48 -5.91
C PRO B 29 -10.39 2.23 -5.06
N ILE B 30 -10.23 1.36 -4.07
CA ILE B 30 -11.17 1.29 -2.98
C ILE B 30 -11.06 2.63 -2.23
N LEU B 31 -12.17 3.35 -2.14
CA LEU B 31 -12.18 4.71 -1.61
C LEU B 31 -13.11 4.84 -0.41
N ILE B 32 -12.70 5.62 0.58
CA ILE B 32 -13.58 5.99 1.67
C ILE B 32 -14.49 7.11 1.21
N SER B 33 -15.80 6.85 1.20
CA SER B 33 -16.75 7.86 0.74
C SER B 33 -17.47 8.55 1.88
N GLU B 34 -17.43 7.96 3.08
CA GLU B 34 -18.06 8.54 4.25
C GLU B 34 -17.42 7.99 5.51
N ILE B 35 -17.25 8.84 6.52
CA ILE B 35 -16.78 8.42 7.83
C ILE B 35 -17.92 8.77 8.78
N HIS B 36 -18.51 7.75 9.39
N HIS B 36 -18.61 7.76 9.31
CA HIS B 36 -19.67 7.94 10.24
CA HIS B 36 -19.76 8.04 10.17
C HIS B 36 -19.28 8.42 11.64
C HIS B 36 -19.33 8.44 11.57
N PRO B 37 -19.78 9.61 12.04
CA PRO B 37 -19.40 10.22 13.32
C PRO B 37 -19.58 9.30 14.52
N GLY B 38 -18.56 9.23 15.36
CA GLY B 38 -18.64 8.48 16.62
C GLY B 38 -18.10 7.06 16.59
N GLN B 39 -17.95 6.51 15.39
CA GLN B 39 -17.56 5.11 15.25
C GLN B 39 -16.04 4.94 15.22
N PRO B 40 -15.56 3.68 15.26
CA PRO B 40 -14.12 3.43 15.33
C PRO B 40 -13.30 4.26 14.34
N ALA B 41 -13.65 4.25 13.06
CA ALA B 41 -12.89 5.00 12.06
C ALA B 41 -12.76 6.47 12.44
N ASP B 42 -13.87 7.07 12.84
CA ASP B 42 -13.87 8.45 13.32
C ASP B 42 -12.98 8.57 14.54
N ARG B 43 -13.13 7.65 15.49
CA ARG B 43 -12.40 7.71 16.75
C ARG B 43 -10.88 7.75 16.57
N CYS B 44 -10.35 6.98 15.64
CA CYS B 44 -8.90 6.90 15.45
C CYS B 44 -8.32 8.19 14.88
N GLY B 45 -9.16 8.97 14.21
CA GLY B 45 -8.76 10.28 13.70
C GLY B 45 -7.76 10.31 12.56
N GLY B 46 -7.48 9.16 11.96
CA GLY B 46 -6.46 9.09 10.92
C GLY B 46 -6.99 8.66 9.57
N LEU B 47 -8.31 8.50 9.45
CA LEU B 47 -8.95 8.11 8.20
C LEU B 47 -9.92 9.19 7.75
N HIS B 48 -9.89 9.53 6.46
CA HIS B 48 -10.69 10.64 5.96
C HIS B 48 -11.36 10.33 4.63
N VAL B 49 -12.49 11.00 4.37
CA VAL B 49 -13.18 10.86 3.10
C VAL B 49 -12.22 11.22 1.97
N GLY B 50 -12.17 10.36 0.96
CA GLY B 50 -11.27 10.55 -0.17
C GLY B 50 -10.01 9.73 -0.08
N ASP B 51 -9.71 9.18 1.10
CA ASP B 51 -8.58 8.26 1.24
C ASP B 51 -8.81 7.01 0.40
N ALA B 52 -7.78 6.58 -0.31
CA ALA B 52 -7.78 5.29 -0.97
C ALA B 52 -7.22 4.26 0.01
N ILE B 53 -7.90 3.14 0.13
CA ILE B 53 -7.39 2.04 0.93
C ILE B 53 -6.57 1.13 0.04
N LEU B 54 -5.25 1.19 0.20
CA LEU B 54 -4.33 0.39 -0.58
C LEU B 54 -4.21 -1.04 -0.05
N ALA B 55 -4.28 -1.19 1.27
CA ALA B 55 -4.13 -2.50 1.88
C ALA B 55 -4.73 -2.45 3.27
N VAL B 56 -5.11 -3.61 3.78
CA VAL B 56 -5.57 -3.72 5.16
C VAL B 56 -4.91 -4.95 5.76
N ASN B 57 -4.28 -4.78 6.91
CA ASN B 57 -3.52 -5.85 7.54
C ASN B 57 -2.65 -6.64 6.56
N GLY B 58 -2.00 -5.92 5.64
CA GLY B 58 -1.11 -6.57 4.70
C GLY B 58 -1.78 -7.30 3.55
N VAL B 59 -3.08 -7.12 3.38
CA VAL B 59 -3.79 -7.62 2.21
C VAL B 59 -3.86 -6.49 1.19
N ASN B 60 -3.17 -6.67 0.07
CA ASN B 60 -3.14 -5.67 -0.99
C ASN B 60 -4.48 -5.59 -1.71
N LEU B 61 -5.10 -4.41 -1.66
CA LEU B 61 -6.40 -4.16 -2.27
C LEU B 61 -6.32 -3.21 -3.46
N ARG B 62 -5.14 -3.06 -4.04
CA ARG B 62 -4.97 -2.14 -5.17
C ARG B 62 -5.61 -2.66 -6.45
N ASP B 63 -5.83 -3.97 -6.52
CA ASP B 63 -6.39 -4.55 -7.74
C ASP B 63 -7.41 -5.64 -7.42
N THR B 64 -8.39 -5.27 -6.62
CA THR B 64 -9.44 -6.17 -6.16
C THR B 64 -10.79 -5.53 -6.43
N LYS B 65 -11.75 -6.34 -6.85
CA LYS B 65 -13.11 -5.84 -7.03
C LYS B 65 -13.75 -5.42 -5.73
N HIS B 66 -14.74 -4.55 -5.86
CA HIS B 66 -15.47 -4.00 -4.73
C HIS B 66 -15.91 -5.04 -3.71
N LYS B 67 -16.68 -6.02 -4.15
N LYS B 67 -16.68 -6.03 -4.15
CA LYS B 67 -17.28 -7.00 -3.24
CA LYS B 67 -17.27 -6.98 -3.22
C LYS B 67 -16.22 -7.75 -2.42
C LYS B 67 -16.22 -7.75 -2.42
N GLU B 68 -15.19 -8.24 -3.10
CA GLU B 68 -14.13 -9.00 -2.44
C GLU B 68 -13.33 -8.14 -1.46
N ALA B 69 -13.04 -6.89 -1.85
CA ALA B 69 -12.35 -5.97 -0.95
C ALA B 69 -13.18 -5.75 0.32
N VAL B 70 -14.47 -5.50 0.14
CA VAL B 70 -15.36 -5.27 1.28
C VAL B 70 -15.42 -6.50 2.18
N THR B 71 -15.46 -7.68 1.59
CA THR B 71 -15.45 -8.90 2.38
C THR B 71 -14.18 -9.03 3.22
N ILE B 72 -13.03 -8.83 2.59
CA ILE B 72 -11.76 -8.85 3.32
C ILE B 72 -11.73 -7.84 4.45
N LEU B 73 -12.14 -6.61 4.14
CA LEU B 73 -12.20 -5.57 5.15
C LEU B 73 -13.07 -5.99 6.34
N SER B 74 -14.21 -6.60 6.05
N SER B 74 -14.21 -6.59 6.03
CA SER B 74 -15.18 -6.95 7.08
CA SER B 74 -15.19 -6.95 7.05
C SER B 74 -14.78 -8.14 7.94
C SER B 74 -14.68 -8.05 7.98
N GLN B 75 -13.79 -8.90 7.49
CA GLN B 75 -13.28 -10.03 8.24
C GLN B 75 -12.23 -9.65 9.26
N GLN B 76 -11.72 -8.41 9.18
CA GLN B 76 -10.65 -8.00 10.08
C GLN B 76 -11.19 -7.78 11.48
N ARG B 77 -10.35 -8.07 12.48
N ARG B 77 -10.36 -8.06 12.48
CA ARG B 77 -10.75 -7.99 13.88
CA ARG B 77 -10.79 -7.95 13.88
C ARG B 77 -9.71 -7.24 14.71
C ARG B 77 -9.72 -7.29 14.75
N GLY B 78 -10.14 -6.71 15.85
CA GLY B 78 -9.22 -6.12 16.80
C GLY B 78 -8.57 -4.85 16.30
N GLU B 79 -7.26 -4.75 16.52
CA GLU B 79 -6.50 -3.60 16.09
C GLU B 79 -6.09 -3.81 14.64
N ILE B 80 -6.64 -3.00 13.75
CA ILE B 80 -6.53 -3.22 12.31
C ILE B 80 -5.68 -2.11 11.67
N GLU B 81 -4.71 -2.51 10.84
CA GLU B 81 -3.88 -1.55 10.16
C GLU B 81 -4.38 -1.26 8.75
N PHE B 82 -4.69 0.00 8.48
CA PHE B 82 -5.08 0.44 7.16
C PHE B 82 -3.90 1.16 6.51
N GLU B 83 -3.55 0.76 5.29
CA GLU B 83 -2.57 1.48 4.49
C GLU B 83 -3.35 2.34 3.51
N VAL B 84 -3.26 3.66 3.68
CA VAL B 84 -4.10 4.59 2.93
C VAL B 84 -3.28 5.70 2.30
N VAL B 85 -3.85 6.35 1.30
CA VAL B 85 -3.22 7.51 0.69
C VAL B 85 -4.29 8.45 0.17
N TYR B 86 -4.07 9.75 0.38
CA TYR B 86 -4.91 10.80 -0.17
C TYR B 86 -4.08 11.42 -1.28
N VAL B 87 -4.40 11.01 -2.51
CA VAL B 87 -3.67 11.43 -3.71
C VAL B 87 -2.43 10.59 -3.98
N ARG C 4 -0.18 -0.60 -20.47
CA ARG C 4 0.27 -1.99 -20.57
C ARG C 4 0.91 -2.44 -19.25
N LEU C 5 1.61 -1.52 -18.58
CA LEU C 5 2.29 -1.85 -17.34
C LEU C 5 1.59 -1.24 -16.13
N PRO C 6 1.40 -2.06 -15.08
CA PRO C 6 0.81 -1.59 -13.83
C PRO C 6 1.79 -0.73 -13.04
N THR C 7 1.26 0.18 -12.24
CA THR C 7 2.07 0.94 -11.30
C THR C 7 1.40 0.83 -9.94
N SER C 8 2.20 0.60 -8.92
CA SER C 8 1.70 0.61 -7.55
C SER C 8 2.49 1.60 -6.72
N ILE C 9 1.78 2.38 -5.91
CA ILE C 9 2.42 3.27 -4.96
C ILE C 9 2.57 2.50 -3.65
N ILE C 10 3.77 2.47 -3.10
CA ILE C 10 4.07 1.66 -1.93
C ILE C 10 5.01 2.37 -0.95
N LEU D 5 -21.22 5.66 -7.84
CA LEU D 5 -20.73 4.29 -7.63
C LEU D 5 -21.48 3.60 -6.49
N PRO D 6 -21.68 2.28 -6.63
CA PRO D 6 -22.26 1.45 -5.57
C PRO D 6 -21.50 1.60 -4.25
N THR D 7 -22.24 1.57 -3.15
CA THR D 7 -21.67 1.83 -1.83
C THR D 7 -21.86 0.64 -0.89
N SER D 8 -20.79 0.32 -0.16
CA SER D 8 -20.86 -0.64 0.92
C SER D 8 -20.52 0.06 2.21
N ILE D 9 -20.96 -0.51 3.32
CA ILE D 9 -20.58 0.00 4.62
C ILE D 9 -19.91 -1.11 5.41
N ILE D 10 -18.83 -0.78 6.10
CA ILE D 10 -18.11 -1.73 6.93
C ILE D 10 -17.97 -1.19 8.35
C1 GOL E . 1.87 8.34 -2.00
O1 GOL E . 2.96 7.98 -1.17
C2 GOL E . 2.28 9.35 -3.04
O2 GOL E . 2.70 10.54 -2.42
C3 GOL E . 1.10 9.65 -3.94
O3 GOL E . 1.48 10.57 -4.94
C1 GOL F . 0.95 1.46 12.08
O1 GOL F . 1.09 0.09 12.38
C2 GOL F . 1.00 2.32 13.33
O2 GOL F . 2.16 2.04 14.09
C3 GOL F . 1.05 3.75 12.82
O3 GOL F . 0.66 4.66 13.81
#